data_1BL5
#
_entry.id   1BL5
#
_cell.length_a   106.100
_cell.length_b   106.100
_cell.length_c   151.800
_cell.angle_alpha   90.00
_cell.angle_beta   90.00
_cell.angle_gamma   90.00
#
_symmetry.space_group_name_H-M   'P 43 21 2'
#
loop_
_entity.id
_entity.type
_entity.pdbx_description
1 polymer 'ISOCITRATE DEHYDROGENASE'
2 non-polymer 'MAGNESIUM ION'
3 non-polymer '2-OXOGLUTARIC ACID'
4 non-polymer 'NADP NICOTINAMIDE-ADENINE-DINUCLEOTIDE PHOSPHATE'
5 water water
#
_entity_poly.entity_id   1
_entity_poly.type   'polypeptide(L)'
_entity_poly.pdbx_seq_one_letter_code
;SKVVVPAQGKKITLQNGKLNVPENPIIPYIEGDGIGVDVTPAMLKVVDAAVEKAYKGERKISWMEIYTGEKSTQVYGQDV
WLPAETLDLIREYRVAIKGPLTTPVGGGIRSLNVALRQELDLYICLRPVRYYQGTPSPVKHPELTDMVIFRENSEDIYAG
IEWKADSADAEKVIKFLREEMGVKKIRFPEHCGIGIKPCSEEGTKRLVRAAIEYAIANDRDSVTLVHKGNIMKFTEGAFK
DWGYQLAREEFGGELIDGGPWLKVKNPNTGKEIVIKDVIADAFLQQILLRPAEYDVIACMNLNGDYISDALAAQVGGIGI
APGANIGDECALFEATHGTAPKYAGQDKVNPGSIILSAEMMLRHMGWTEAADLIVKGMEGAINAKTVTYDFERLMDGAKL
LKCSEFGDAIIENM
;
_entity_poly.pdbx_strand_id   A
#
loop_
_chem_comp.id
_chem_comp.type
_chem_comp.name
_chem_comp.formula
AKG non-polymer '2-OXOGLUTARIC ACID' 'C5 H6 O5'
MG non-polymer 'MAGNESIUM ION' 'Mg 2'
NAP non-polymer 'NADP NICOTINAMIDE-ADENINE-DINUCLEOTIDE PHOSPHATE' 'C21 H28 N7 O17 P3'
#
# COMPACT_ATOMS: atom_id res chain seq x y z
N SER A 1 26.55 14.04 -1.47
CA SER A 1 25.49 13.19 -0.97
C SER A 1 25.20 13.87 0.36
N LYS A 2 23.97 14.11 0.80
CA LYS A 2 23.77 14.91 2.02
C LYS A 2 23.01 14.14 3.08
N VAL A 3 23.06 12.82 2.95
CA VAL A 3 22.39 11.97 3.89
C VAL A 3 23.40 11.72 4.99
N VAL A 4 23.08 11.68 6.29
CA VAL A 4 24.10 11.37 7.26
C VAL A 4 23.78 10.03 7.92
N VAL A 5 24.56 8.99 7.63
CA VAL A 5 24.36 7.67 8.23
C VAL A 5 24.58 7.73 9.72
N PRO A 6 23.76 7.13 10.55
CA PRO A 6 23.90 7.14 11.98
C PRO A 6 25.18 6.43 12.31
N ALA A 7 25.78 6.96 13.35
CA ALA A 7 27.06 6.43 13.75
C ALA A 7 26.99 5.06 14.37
N GLN A 8 25.86 4.75 15.02
CA GLN A 8 25.79 3.56 15.82
C GLN A 8 24.90 2.51 15.20
N GLY A 9 24.37 2.68 14.01
CA GLY A 9 23.45 1.65 13.55
C GLY A 9 24.10 0.47 12.84
N LYS A 10 23.36 -0.43 12.23
CA LYS A 10 23.90 -1.54 11.44
C LYS A 10 22.88 -1.77 10.33
N LYS A 11 23.17 -2.26 9.12
CA LYS A 11 22.31 -2.43 7.94
C LYS A 11 21.55 -3.73 7.94
N ILE A 12 20.30 -3.80 7.55
CA ILE A 12 19.58 -5.06 7.45
C ILE A 12 20.19 -5.77 6.24
N THR A 13 20.31 -7.08 6.18
CA THR A 13 20.87 -7.67 4.98
C THR A 13 19.86 -8.68 4.55
N LEU A 14 19.85 -9.05 3.31
CA LEU A 14 18.83 -9.96 2.83
C LEU A 14 19.67 -11.20 2.60
N GLN A 15 19.28 -12.34 3.18
CA GLN A 15 19.92 -13.64 2.91
C GLN A 15 18.77 -14.65 2.66
N ASN A 16 18.78 -15.24 1.45
CA ASN A 16 17.79 -16.19 1.00
C ASN A 16 16.36 -15.73 1.21
N GLY A 17 16.01 -14.58 0.65
CA GLY A 17 14.65 -14.06 0.80
C GLY A 17 14.23 -13.75 2.24
N LYS A 18 15.12 -14.00 3.23
CA LYS A 18 14.78 -13.82 4.61
C LYS A 18 15.66 -12.66 5.01
N LEU A 19 15.11 -11.85 5.88
CA LEU A 19 15.79 -10.66 6.32
C LEU A 19 16.66 -10.96 7.51
N ASN A 20 17.80 -10.31 7.63
CA ASN A 20 18.59 -10.45 8.83
C ASN A 20 18.49 -9.04 9.39
N VAL A 21 17.85 -8.93 10.54
CA VAL A 21 17.56 -7.68 11.19
C VAL A 21 18.35 -7.57 12.49
N PRO A 22 19.35 -6.75 12.60
CA PRO A 22 20.15 -6.66 13.78
C PRO A 22 19.40 -6.00 14.91
N GLU A 23 20.01 -5.95 16.06
CA GLU A 23 19.43 -5.33 17.19
C GLU A 23 19.48 -3.86 16.93
N ASN A 24 20.47 -3.21 16.27
CA ASN A 24 20.46 -1.78 16.01
C ASN A 24 20.32 -1.51 14.51
N PRO A 25 19.19 -1.72 13.84
CA PRO A 25 19.09 -1.62 12.41
C PRO A 25 19.05 -0.19 11.99
N ILE A 26 19.59 0.27 10.88
CA ILE A 26 19.40 1.68 10.44
C ILE A 26 18.15 1.64 9.57
N ILE A 27 17.19 2.52 9.78
CA ILE A 27 16.00 2.47 8.96
C ILE A 27 15.95 3.84 8.33
N PRO A 28 16.06 4.03 7.05
CA PRO A 28 15.83 5.33 6.46
C PRO A 28 14.34 5.67 6.44
N TYR A 29 14.05 6.97 6.53
CA TYR A 29 12.71 7.44 6.49
C TYR A 29 12.67 8.67 5.65
N ILE A 30 11.57 8.99 5.03
CA ILE A 30 11.40 10.18 4.21
C ILE A 30 10.33 10.96 5.01
N GLU A 31 10.58 12.18 5.48
CA GLU A 31 9.65 12.99 6.23
C GLU A 31 8.35 13.24 5.52
N GLY A 32 8.32 13.57 4.23
CA GLY A 32 7.09 13.81 3.51
C GLY A 32 6.83 15.28 3.45
N ASP A 33 6.05 15.66 2.48
CA ASP A 33 5.74 17.05 2.28
C ASP A 33 4.48 17.40 2.99
N GLY A 34 4.10 18.65 3.19
CA GLY A 34 2.77 18.95 3.71
C GLY A 34 2.67 18.53 5.13
N ILE A 35 1.64 17.79 5.52
CA ILE A 35 1.52 17.30 6.88
C ILE A 35 2.53 16.24 7.23
N GLY A 36 3.44 15.86 6.35
CA GLY A 36 4.46 14.89 6.71
C GLY A 36 5.24 15.45 7.83
N VAL A 37 5.27 16.77 8.03
CA VAL A 37 6.04 17.45 9.09
C VAL A 37 5.43 17.30 10.46
N ASP A 38 4.19 16.84 10.47
CA ASP A 38 3.44 16.66 11.67
C ASP A 38 3.34 15.21 11.96
N VAL A 39 3.03 14.36 11.00
CA VAL A 39 2.77 12.98 11.34
C VAL A 39 4.05 12.22 11.50
N THR A 40 5.06 12.49 10.69
CA THR A 40 6.30 11.79 10.86
C THR A 40 6.93 11.95 12.20
N PRO A 41 7.14 13.09 12.87
CA PRO A 41 7.69 13.11 14.21
C PRO A 41 6.90 12.29 15.15
N ALA A 42 5.60 12.06 14.92
CA ALA A 42 4.78 11.34 15.87
C ALA A 42 5.06 9.89 15.67
N MET A 43 5.21 9.41 14.47
CA MET A 43 5.53 8.03 14.23
C MET A 43 6.91 7.77 14.75
N LEU A 44 7.95 8.54 14.59
CA LEU A 44 9.18 8.19 15.24
C LEU A 44 8.95 8.08 16.74
N LYS A 45 8.35 8.99 17.50
CA LYS A 45 8.14 8.90 18.94
C LYS A 45 7.58 7.56 19.32
N VAL A 46 6.55 7.20 18.60
CA VAL A 46 5.79 5.99 18.90
C VAL A 46 6.52 4.73 18.51
N VAL A 47 7.28 4.60 17.42
CA VAL A 47 7.94 3.34 17.07
C VAL A 47 9.02 3.27 18.09
N ASP A 48 9.65 4.37 18.48
CA ASP A 48 10.72 4.28 19.40
C ASP A 48 10.28 3.82 20.77
N ALA A 49 9.08 4.18 21.17
CA ALA A 49 8.55 3.78 22.45
C ALA A 49 8.13 2.37 22.40
N ALA A 50 7.66 1.90 21.28
CA ALA A 50 7.17 0.55 21.18
C ALA A 50 8.36 -0.34 21.20
N VAL A 51 9.56 -0.01 20.64
CA VAL A 51 10.63 -0.99 20.76
C VAL A 51 11.22 -0.97 22.16
N GLU A 52 11.26 0.15 22.87
CA GLU A 52 11.72 0.17 24.21
C GLU A 52 10.71 -0.60 25.05
N LYS A 53 9.40 -0.38 25.10
CA LYS A 53 8.54 -1.11 26.01
C LYS A 53 8.71 -2.58 25.69
N ALA A 54 9.05 -2.99 24.48
CA ALA A 54 9.00 -4.39 24.18
C ALA A 54 10.16 -5.28 24.35
N TYR A 55 11.29 -4.79 23.93
CA TYR A 55 12.54 -5.46 23.95
C TYR A 55 13.32 -4.79 25.05
N LYS A 56 12.69 -4.06 25.95
CA LYS A 56 13.25 -3.47 27.15
C LYS A 56 14.62 -2.89 27.03
N GLY A 57 15.07 -2.42 25.88
CA GLY A 57 16.35 -1.74 25.80
C GLY A 57 17.36 -2.41 24.89
N GLU A 58 17.12 -3.65 24.52
CA GLU A 58 18.12 -4.33 23.75
C GLU A 58 18.14 -3.87 22.32
N ARG A 59 16.95 -3.59 21.78
CA ARG A 59 16.81 -3.18 20.41
C ARG A 59 16.58 -1.66 20.31
N LYS A 60 17.17 -0.97 19.33
CA LYS A 60 16.96 0.44 19.10
C LYS A 60 17.06 0.69 17.60
N ILE A 61 16.18 1.49 17.00
CA ILE A 61 16.32 1.78 15.60
C ILE A 61 17.14 3.03 15.43
N SER A 62 18.03 3.12 14.48
CA SER A 62 18.79 4.32 14.24
C SER A 62 18.12 4.94 13.03
N TRP A 63 17.42 6.05 13.18
CA TRP A 63 16.58 6.53 12.10
C TRP A 63 17.46 7.38 11.27
N MET A 64 17.25 7.34 9.95
CA MET A 64 18.10 8.05 9.00
C MET A 64 17.24 8.79 8.01
N GLU A 65 17.20 10.12 7.99
CA GLU A 65 16.37 10.85 7.06
C GLU A 65 16.86 10.79 5.64
N ILE A 66 16.08 10.51 4.61
CA ILE A 66 16.53 10.65 3.26
C ILE A 66 15.47 11.50 2.58
N TYR A 67 15.54 11.82 1.30
CA TYR A 67 14.73 12.88 0.75
C TYR A 67 14.07 12.59 -0.57
N THR A 68 12.84 13.06 -0.78
CA THR A 68 12.12 13.01 -2.04
C THR A 68 11.04 14.04 -1.95
N GLY A 69 10.65 14.68 -3.07
CA GLY A 69 9.56 15.63 -3.02
C GLY A 69 10.00 17.06 -2.74
N GLU A 70 9.11 17.94 -2.31
CA GLU A 70 9.43 19.32 -2.13
C GLU A 70 10.54 19.48 -1.17
N LYS A 71 10.65 18.73 -0.08
CA LYS A 71 11.76 18.94 0.83
C LYS A 71 13.07 18.58 0.22
N SER A 72 13.13 17.91 -0.88
CA SER A 72 14.39 17.63 -1.49
C SER A 72 14.80 18.79 -2.35
N THR A 73 13.96 19.67 -2.92
CA THR A 73 14.46 20.75 -3.77
C THR A 73 15.11 21.73 -2.85
N GLN A 74 14.53 21.96 -1.66
CA GLN A 74 15.03 22.81 -0.57
C GLN A 74 16.33 22.28 -0.06
N VAL A 75 16.72 21.07 -0.46
CA VAL A 75 17.98 20.50 -0.04
C VAL A 75 18.91 20.23 -1.20
N TYR A 76 18.46 19.96 -2.40
CA TYR A 76 19.38 19.65 -3.46
C TYR A 76 19.34 20.56 -4.67
N GLY A 77 18.32 21.37 -4.90
CA GLY A 77 18.28 22.19 -6.09
C GLY A 77 16.88 22.15 -6.63
N GLN A 78 16.51 23.23 -7.27
CA GLN A 78 15.14 23.40 -7.63
C GLN A 78 14.43 22.30 -8.35
N ASP A 79 15.20 21.45 -9.03
CA ASP A 79 14.69 20.52 -10.01
C ASP A 79 15.02 19.09 -9.68
N VAL A 80 15.33 18.82 -8.45
CA VAL A 80 15.77 17.50 -8.09
C VAL A 80 14.64 16.91 -7.33
N TRP A 81 13.67 16.24 -7.93
CA TRP A 81 12.61 15.77 -7.08
C TRP A 81 12.81 14.35 -6.62
N LEU A 82 13.64 13.53 -7.24
CA LEU A 82 13.82 12.18 -6.82
C LEU A 82 15.25 11.91 -7.08
N PRO A 83 16.09 12.11 -6.10
CA PRO A 83 17.50 11.94 -6.22
C PRO A 83 17.82 10.52 -6.45
N ALA A 84 18.68 10.15 -7.38
CA ALA A 84 19.10 8.77 -7.54
C ALA A 84 19.64 8.13 -6.29
N GLU A 85 20.13 8.97 -5.41
CA GLU A 85 20.66 8.52 -4.15
C GLU A 85 19.63 7.87 -3.26
N THR A 86 18.37 8.29 -3.29
CA THR A 86 17.32 7.70 -2.48
C THR A 86 17.00 6.38 -3.08
N LEU A 87 17.00 6.20 -4.37
CA LEU A 87 16.73 4.89 -4.88
C LEU A 87 17.82 3.95 -4.41
N ASP A 88 19.12 4.28 -4.56
CA ASP A 88 20.20 3.39 -4.17
C ASP A 88 20.07 3.09 -2.70
N LEU A 89 19.86 4.09 -1.89
CA LEU A 89 19.73 3.93 -0.48
C LEU A 89 18.55 3.11 -0.09
N ILE A 90 17.36 3.07 -0.69
CA ILE A 90 16.31 2.20 -0.17
C ILE A 90 16.67 0.77 -0.49
N ARG A 91 17.28 0.53 -1.64
CA ARG A 91 17.72 -0.80 -2.06
C ARG A 91 18.80 -1.25 -1.09
N GLU A 92 19.73 -0.38 -0.70
CA GLU A 92 20.83 -0.74 0.15
C GLU A 92 20.29 -1.03 1.55
N TYR A 93 19.56 -0.15 2.22
CA TYR A 93 19.14 -0.42 3.60
C TYR A 93 17.93 -1.34 3.69
N ARG A 94 17.41 -1.84 2.57
CA ARG A 94 16.31 -2.76 2.50
C ARG A 94 14.98 -2.40 3.07
N VAL A 95 14.74 -1.51 4.01
CA VAL A 95 13.40 -1.25 4.55
C VAL A 95 13.31 0.24 4.80
N ALA A 96 12.18 0.92 4.62
CA ALA A 96 12.10 2.35 4.80
C ALA A 96 10.66 2.76 4.99
N ILE A 97 10.41 3.96 5.45
CA ILE A 97 9.08 4.44 5.65
C ILE A 97 8.89 5.84 5.08
N LYS A 98 7.79 6.32 4.48
CA LYS A 98 7.64 7.66 4.00
C LYS A 98 6.28 8.24 4.35
N GLY A 99 6.19 9.54 4.39
CA GLY A 99 4.96 10.23 4.60
C GLY A 99 4.41 10.66 3.26
N PRO A 100 3.43 11.55 3.14
CA PRO A 100 2.78 11.92 1.88
C PRO A 100 3.68 12.69 0.92
N LEU A 101 3.55 12.83 -0.40
CA LEU A 101 4.56 13.47 -1.23
C LEU A 101 3.86 14.35 -2.28
N THR A 102 4.46 15.49 -2.64
CA THR A 102 3.95 16.42 -3.65
C THR A 102 4.60 16.09 -4.97
N THR A 103 3.85 16.03 -6.05
CA THR A 103 4.50 15.91 -7.32
C THR A 103 4.18 17.27 -7.90
N PRO A 104 5.06 18.06 -8.52
CA PRO A 104 4.75 19.26 -9.21
C PRO A 104 3.99 19.02 -10.47
N VAL A 105 3.34 20.05 -10.98
CA VAL A 105 2.62 19.91 -12.22
C VAL A 105 3.38 19.97 -13.56
N GLY A 106 3.08 19.02 -14.45
CA GLY A 106 3.56 19.03 -15.82
C GLY A 106 4.98 18.52 -15.97
N GLY A 107 5.84 19.40 -15.41
CA GLY A 107 7.26 19.20 -15.32
C GLY A 107 7.67 17.75 -15.13
N GLY A 108 7.66 17.11 -16.31
CA GLY A 108 8.12 15.77 -16.60
C GLY A 108 7.51 14.64 -15.85
N ILE A 109 7.91 14.64 -14.60
CA ILE A 109 7.67 13.54 -13.70
C ILE A 109 6.24 13.06 -13.54
N ARG A 110 6.22 11.78 -13.28
CA ARG A 110 4.98 11.08 -13.19
C ARG A 110 4.17 11.38 -11.94
N SER A 111 4.20 10.59 -10.89
CA SER A 111 3.60 10.96 -9.62
C SER A 111 4.66 10.33 -8.76
N LEU A 112 5.28 11.00 -7.82
CA LEU A 112 6.43 10.44 -7.14
C LEU A 112 6.14 9.19 -6.43
N ASN A 113 4.95 8.91 -5.94
CA ASN A 113 4.68 7.66 -5.28
C ASN A 113 4.77 6.56 -6.28
N VAL A 114 4.30 6.73 -7.48
CA VAL A 114 4.36 5.69 -8.47
C VAL A 114 5.78 5.60 -8.91
N ALA A 115 6.54 6.66 -9.08
CA ALA A 115 7.89 6.57 -9.59
C ALA A 115 8.75 5.70 -8.71
N LEU A 116 8.64 5.83 -7.39
CA LEU A 116 9.36 4.98 -6.44
C LEU A 116 8.88 3.59 -6.68
N ARG A 117 7.61 3.28 -6.53
CA ARG A 117 7.09 1.94 -6.75
C ARG A 117 7.63 1.22 -7.92
N GLN A 118 7.71 1.91 -9.01
CA GLN A 118 8.13 1.33 -10.27
C GLN A 118 9.61 1.28 -10.48
N GLU A 119 10.32 2.29 -10.06
CA GLU A 119 11.73 2.31 -10.32
C GLU A 119 12.36 1.29 -9.42
N LEU A 120 11.86 1.14 -8.25
CA LEU A 120 12.44 0.24 -7.28
C LEU A 120 11.82 -1.15 -7.44
N ASP A 121 11.01 -1.37 -8.44
CA ASP A 121 10.23 -2.58 -8.69
C ASP A 121 9.51 -3.20 -7.53
N LEU A 122 8.83 -2.35 -6.81
CA LEU A 122 8.03 -2.80 -5.71
C LEU A 122 6.69 -3.28 -6.21
N TYR A 123 6.55 -4.54 -6.57
CA TYR A 123 5.35 -5.06 -7.18
C TYR A 123 4.16 -5.38 -6.36
N ILE A 124 4.17 -5.27 -5.02
CA ILE A 124 3.03 -5.65 -4.20
C ILE A 124 2.64 -4.40 -3.51
N CYS A 125 1.43 -3.93 -3.64
CA CYS A 125 0.98 -2.84 -2.81
C CYS A 125 0.10 -3.62 -1.90
N LEU A 126 0.41 -3.67 -0.60
CA LEU A 126 -0.31 -4.50 0.35
C LEU A 126 -0.96 -3.50 1.23
N ARG A 127 -2.26 -3.49 1.24
CA ARG A 127 -3.01 -2.52 1.98
C ARG A 127 -4.07 -3.32 2.74
N PRO A 128 -3.92 -3.63 4.00
CA PRO A 128 -4.90 -4.32 4.79
C PRO A 128 -5.96 -3.39 5.32
N VAL A 129 -7.24 -3.73 5.42
CA VAL A 129 -8.17 -2.87 6.10
C VAL A 129 -9.13 -3.72 6.92
N ARG A 130 -9.20 -3.13 8.08
CA ARG A 130 -9.76 -3.74 9.25
C ARG A 130 -10.45 -2.66 10.09
N TYR A 131 -11.45 -2.97 10.92
CA TYR A 131 -12.08 -1.93 11.72
C TYR A 131 -11.41 -1.83 13.06
N TYR A 132 -11.24 -0.67 13.63
CA TYR A 132 -10.76 -0.44 14.99
C TYR A 132 -12.03 -0.06 15.75
N GLN A 133 -12.58 -0.77 16.75
CA GLN A 133 -13.85 -0.44 17.39
C GLN A 133 -13.88 0.97 17.88
N GLY A 134 -14.86 1.78 17.55
CA GLY A 134 -14.84 3.14 18.02
C GLY A 134 -14.73 4.11 16.87
N THR A 135 -14.06 3.80 15.76
CA THR A 135 -14.00 4.71 14.65
C THR A 135 -15.39 5.04 14.16
N PRO A 136 -15.75 6.28 13.99
CA PRO A 136 -16.96 6.71 13.33
C PRO A 136 -16.98 6.12 11.95
N SER A 137 -17.97 5.34 11.57
CA SER A 137 -18.03 4.76 10.26
C SER A 137 -19.33 5.22 9.64
N PRO A 138 -19.47 5.33 8.31
CA PRO A 138 -20.73 5.61 7.67
C PRO A 138 -21.49 4.41 7.34
N VAL A 139 -21.02 3.23 7.66
CA VAL A 139 -21.66 1.99 7.35
C VAL A 139 -22.26 1.41 8.63
N LYS A 140 -23.34 0.63 8.56
CA LYS A 140 -23.98 0.09 9.72
C LYS A 140 -23.11 -0.93 10.41
N HIS A 141 -22.55 -1.87 9.69
CA HIS A 141 -21.85 -2.93 10.34
C HIS A 141 -20.43 -2.98 9.87
N PRO A 142 -19.52 -2.06 10.24
CA PRO A 142 -18.20 -1.96 9.64
C PRO A 142 -17.32 -3.02 10.18
N GLU A 143 -17.68 -3.71 11.27
CA GLU A 143 -16.84 -4.71 11.89
C GLU A 143 -16.74 -6.01 11.14
N LEU A 144 -17.53 -6.18 10.10
CA LEU A 144 -17.48 -7.36 9.29
C LEU A 144 -16.34 -7.23 8.36
N THR A 145 -15.77 -6.07 8.08
CA THR A 145 -14.69 -5.89 7.10
C THR A 145 -13.34 -6.27 7.64
N ASP A 146 -12.75 -7.41 7.37
CA ASP A 146 -11.36 -7.60 7.67
C ASP A 146 -10.83 -8.08 6.35
N MET A 147 -10.09 -7.29 5.57
CA MET A 147 -9.68 -7.67 4.22
C MET A 147 -8.27 -7.29 4.02
N VAL A 148 -7.61 -7.78 3.00
CA VAL A 148 -6.19 -7.47 2.74
C VAL A 148 -6.03 -7.35 1.25
N ILE A 149 -5.67 -6.19 0.70
CA ILE A 149 -5.53 -6.05 -0.71
C ILE A 149 -4.12 -6.23 -1.21
N PHE A 150 -3.99 -7.01 -2.28
CA PHE A 150 -2.75 -7.24 -2.93
C PHE A 150 -2.98 -6.65 -4.26
N ARG A 151 -2.40 -5.48 -4.49
CA ARG A 151 -2.55 -4.71 -5.72
C ARG A 151 -1.25 -4.79 -6.49
N GLU A 152 -1.33 -5.12 -7.76
CA GLU A 152 -0.15 -5.33 -8.55
C GLU A 152 0.39 -3.96 -8.80
N ASN A 153 1.59 -3.68 -8.50
CA ASN A 153 2.13 -2.37 -8.68
C ASN A 153 2.95 -2.12 -9.90
N SER A 154 3.32 -3.07 -10.78
CA SER A 154 4.29 -2.69 -11.80
C SER A 154 3.77 -2.49 -13.19
N GLU A 155 2.54 -2.91 -13.43
CA GLU A 155 1.95 -2.69 -14.73
C GLU A 155 0.52 -2.17 -14.68
N ASP A 156 -0.29 -2.56 -15.66
CA ASP A 156 -1.61 -2.03 -15.90
C ASP A 156 -1.39 -0.67 -16.46
N ILE A 157 -2.46 -0.01 -16.79
CA ILE A 157 -2.49 1.36 -17.21
C ILE A 157 -1.59 2.33 -16.53
N TYR A 158 -1.00 2.01 -15.41
CA TYR A 158 -0.15 2.87 -14.62
C TYR A 158 1.23 2.94 -15.17
N ALA A 159 1.51 2.23 -16.24
CA ALA A 159 2.88 2.20 -16.71
C ALA A 159 3.25 3.49 -17.35
N GLY A 160 2.27 4.34 -17.57
CA GLY A 160 2.54 5.67 -18.04
C GLY A 160 2.77 5.62 -19.49
N ILE A 161 2.25 4.67 -20.22
CA ILE A 161 2.56 4.66 -21.62
C ILE A 161 1.43 5.37 -22.28
N GLU A 162 1.55 6.64 -22.60
CA GLU A 162 0.46 7.35 -23.28
C GLU A 162 0.99 8.57 -23.99
N TRP A 163 0.15 8.99 -24.97
CA TRP A 163 0.41 10.12 -25.87
C TRP A 163 -0.69 11.19 -25.99
N LYS A 164 -0.40 12.49 -26.00
CA LYS A 164 -1.37 13.58 -26.00
C LYS A 164 -2.15 13.67 -27.27
N ALA A 165 -3.38 14.12 -27.25
CA ALA A 165 -4.16 14.14 -28.45
C ALA A 165 -3.62 15.17 -29.38
N ASP A 166 -3.69 14.87 -30.67
CA ASP A 166 -3.19 15.71 -31.77
C ASP A 166 -1.66 15.89 -31.88
N SER A 167 -0.87 15.21 -31.07
CA SER A 167 0.56 15.27 -31.14
C SER A 167 1.04 14.38 -32.28
N ALA A 168 2.28 14.51 -32.76
CA ALA A 168 2.70 13.69 -33.88
C ALA A 168 2.68 12.22 -33.56
N ASP A 169 3.07 11.92 -32.32
CA ASP A 169 3.25 10.55 -31.86
C ASP A 169 1.91 9.85 -31.71
N ALA A 170 0.92 10.57 -31.22
CA ALA A 170 -0.40 9.96 -31.11
C ALA A 170 -0.91 9.63 -32.48
N GLU A 171 -0.75 10.53 -33.45
CA GLU A 171 -1.19 10.25 -34.78
C GLU A 171 -0.48 9.07 -35.41
N LYS A 172 0.78 8.83 -35.04
CA LYS A 172 1.57 7.75 -35.59
C LYS A 172 0.95 6.51 -35.10
N VAL A 173 0.71 6.49 -33.81
CA VAL A 173 0.12 5.34 -33.14
C VAL A 173 -1.23 5.07 -33.75
N ILE A 174 -2.09 6.04 -34.00
CA ILE A 174 -3.34 5.74 -34.66
C ILE A 174 -3.10 5.43 -36.14
N LYS A 175 -2.14 5.96 -36.94
CA LYS A 175 -2.01 5.52 -38.32
C LYS A 175 -1.66 4.03 -38.18
N PHE A 176 -0.85 3.63 -37.19
CA PHE A 176 -0.52 2.25 -37.01
C PHE A 176 -1.73 1.37 -36.74
N LEU A 177 -2.57 1.76 -35.83
CA LEU A 177 -3.66 0.90 -35.47
C LEU A 177 -4.64 0.72 -36.57
N ARG A 178 -4.96 1.75 -37.34
CA ARG A 178 -5.94 1.67 -38.43
C ARG A 178 -5.32 0.95 -39.61
N GLU A 179 -4.22 1.46 -40.12
CA GLU A 179 -3.63 0.94 -41.34
C GLU A 179 -3.00 -0.43 -41.20
N GLU A 180 -2.16 -0.63 -40.20
CA GLU A 180 -1.48 -1.89 -40.06
C GLU A 180 -2.28 -2.91 -39.28
N MET A 181 -3.00 -2.52 -38.23
CA MET A 181 -3.75 -3.53 -37.48
C MET A 181 -5.23 -3.70 -37.82
N GLY A 182 -5.86 -2.92 -38.69
CA GLY A 182 -7.25 -3.17 -39.08
C GLY A 182 -8.29 -2.85 -38.02
N VAL A 183 -7.95 -1.84 -37.25
CA VAL A 183 -8.77 -1.47 -36.15
C VAL A 183 -9.80 -0.51 -36.67
N LYS A 184 -11.07 -0.91 -36.60
CA LYS A 184 -12.17 -0.02 -36.93
C LYS A 184 -12.93 0.54 -35.70
N LYS A 185 -12.63 0.12 -34.45
CA LYS A 185 -13.35 0.44 -33.24
C LYS A 185 -13.02 1.74 -32.48
N ILE A 186 -12.34 2.72 -33.06
CA ILE A 186 -12.12 3.99 -32.38
C ILE A 186 -13.24 5.00 -32.74
N ARG A 187 -14.08 5.55 -31.85
CA ARG A 187 -15.14 6.39 -32.35
C ARG A 187 -14.65 7.67 -32.94
N PHE A 188 -13.78 8.40 -32.31
CA PHE A 188 -13.33 9.65 -32.86
C PHE A 188 -11.85 9.51 -32.93
N PRO A 189 -11.22 9.26 -34.06
CA PRO A 189 -9.80 9.23 -34.21
C PRO A 189 -9.15 10.57 -34.24
N GLU A 190 -9.77 11.65 -34.70
CA GLU A 190 -9.08 12.92 -34.67
C GLU A 190 -9.20 13.32 -33.23
N HIS A 191 -8.41 14.29 -32.80
CA HIS A 191 -8.37 14.84 -31.44
C HIS A 191 -8.59 13.83 -30.28
N CYS A 192 -7.98 12.66 -30.38
CA CYS A 192 -8.08 11.48 -29.53
C CYS A 192 -6.81 11.20 -28.74
N GLY A 193 -6.78 11.00 -27.42
CA GLY A 193 -5.61 10.62 -26.64
C GLY A 193 -5.64 9.11 -26.49
N ILE A 194 -4.48 8.50 -26.37
CA ILE A 194 -4.34 7.04 -26.35
C ILE A 194 -3.54 6.59 -25.17
N GLY A 195 -3.90 5.53 -24.50
CA GLY A 195 -3.12 5.00 -23.42
C GLY A 195 -3.03 3.54 -23.64
N ILE A 196 -1.99 2.89 -23.16
CA ILE A 196 -1.76 1.44 -23.30
C ILE A 196 -1.80 0.78 -21.90
N LYS A 197 -2.47 -0.35 -21.73
CA LYS A 197 -2.62 -1.06 -20.46
C LYS A 197 -2.00 -2.39 -20.74
N PRO A 198 -0.91 -2.82 -20.17
CA PRO A 198 -0.29 -4.09 -20.39
C PRO A 198 -0.56 -5.08 -19.30
N CYS A 199 -0.70 -6.38 -19.38
CA CYS A 199 -0.86 -7.19 -18.18
C CYS A 199 -0.08 -8.43 -18.53
N SER A 200 0.88 -8.98 -17.80
CA SER A 200 1.72 -10.04 -18.31
C SER A 200 1.71 -11.28 -17.46
N GLU A 201 2.14 -12.44 -17.95
CA GLU A 201 2.12 -13.67 -17.19
C GLU A 201 2.95 -13.60 -15.95
N GLU A 202 4.11 -12.99 -16.06
CA GLU A 202 4.97 -13.02 -14.92
C GLU A 202 4.57 -11.98 -13.91
N GLY A 203 4.04 -10.87 -14.38
CA GLY A 203 3.61 -9.83 -13.50
C GLY A 203 2.39 -10.23 -12.73
N THR A 204 1.41 -10.96 -13.27
CA THR A 204 0.27 -11.21 -12.45
C THR A 204 0.65 -12.34 -11.56
N LYS A 205 1.28 -13.37 -12.05
CA LYS A 205 1.67 -14.48 -11.18
C LYS A 205 2.60 -14.13 -10.03
N ARG A 206 3.56 -13.21 -10.15
CA ARG A 206 4.35 -12.95 -8.99
C ARG A 206 3.46 -12.29 -7.98
N LEU A 207 2.43 -11.53 -8.36
CA LEU A 207 1.53 -10.89 -7.42
C LEU A 207 0.64 -11.95 -6.83
N VAL A 208 -0.10 -12.76 -7.59
CA VAL A 208 -0.98 -13.75 -7.03
C VAL A 208 -0.19 -14.75 -6.24
N ARG A 209 1.06 -15.12 -6.56
CA ARG A 209 1.87 -16.07 -5.79
C ARG A 209 1.96 -15.45 -4.46
N ALA A 210 2.33 -14.17 -4.40
CA ALA A 210 2.45 -13.47 -3.14
C ALA A 210 1.17 -13.46 -2.33
N ALA A 211 0.05 -13.23 -2.98
CA ALA A 211 -1.23 -13.21 -2.33
C ALA A 211 -1.55 -14.53 -1.82
N ILE A 212 -1.44 -15.66 -2.52
CA ILE A 212 -1.80 -16.95 -1.95
C ILE A 212 -0.75 -17.36 -0.90
N GLU A 213 0.53 -16.97 -1.00
CA GLU A 213 1.44 -17.27 0.06
C GLU A 213 1.00 -16.50 1.26
N TYR A 214 0.59 -15.22 1.13
CA TYR A 214 0.18 -14.47 2.29
C TYR A 214 -1.02 -15.16 2.92
N ALA A 215 -1.91 -15.73 2.17
CA ALA A 215 -3.07 -16.37 2.80
C ALA A 215 -2.64 -17.56 3.59
N ILE A 216 -1.75 -18.37 3.09
CA ILE A 216 -1.39 -19.57 3.80
C ILE A 216 -0.67 -19.26 5.08
N ALA A 217 0.24 -18.31 5.11
CA ALA A 217 0.98 -17.99 6.33
C ALA A 217 0.16 -17.42 7.43
N ASN A 218 -0.96 -16.77 7.13
CA ASN A 218 -1.77 -16.10 8.12
C ASN A 218 -3.11 -16.73 8.31
N ASP A 219 -3.34 -17.88 7.75
CA ASP A 219 -4.57 -18.64 7.95
C ASP A 219 -5.85 -17.93 7.60
N ARG A 220 -5.85 -17.32 6.43
CA ARG A 220 -7.01 -16.59 6.01
C ARG A 220 -7.93 -17.52 5.27
N ASP A 221 -9.21 -17.27 5.02
CA ASP A 221 -10.11 -18.16 4.32
C ASP A 221 -10.24 -18.05 2.78
N SER A 222 -9.95 -17.05 1.94
CA SER A 222 -10.23 -17.06 0.51
C SER A 222 -9.31 -16.13 -0.21
N VAL A 223 -9.07 -16.16 -1.52
CA VAL A 223 -8.33 -15.14 -2.24
C VAL A 223 -9.29 -14.68 -3.32
N THR A 224 -9.63 -13.42 -3.61
CA THR A 224 -10.55 -13.13 -4.67
C THR A 224 -9.79 -12.38 -5.70
N LEU A 225 -9.83 -12.91 -6.92
CA LEU A 225 -9.21 -12.19 -7.99
C LEU A 225 -10.29 -11.28 -8.50
N VAL A 226 -10.15 -9.95 -8.52
CA VAL A 226 -11.20 -9.11 -9.08
C VAL A 226 -10.62 -8.48 -10.30
N HIS A 227 -11.56 -8.32 -11.22
CA HIS A 227 -11.19 -7.98 -12.57
C HIS A 227 -12.32 -7.45 -13.42
N LYS A 228 -12.27 -6.64 -14.47
CA LYS A 228 -13.39 -6.36 -15.35
C LYS A 228 -13.08 -7.24 -16.53
N GLY A 229 -12.94 -8.53 -16.30
CA GLY A 229 -12.46 -9.41 -17.33
C GLY A 229 -13.43 -9.64 -18.43
N ASN A 230 -14.66 -9.14 -18.33
CA ASN A 230 -15.50 -9.41 -19.43
C ASN A 230 -15.43 -8.37 -20.51
N ILE A 231 -14.85 -7.22 -20.30
CA ILE A 231 -14.71 -6.25 -21.35
C ILE A 231 -13.25 -6.32 -21.76
N MET A 232 -12.31 -6.56 -20.83
CA MET A 232 -10.87 -6.51 -21.07
C MET A 232 -10.45 -7.93 -20.90
N LYS A 233 -10.70 -8.68 -21.96
CA LYS A 233 -10.47 -10.11 -22.02
C LYS A 233 -9.04 -10.52 -21.91
N PHE A 234 -8.17 -9.71 -22.43
CA PHE A 234 -6.78 -10.13 -22.50
C PHE A 234 -5.90 -9.47 -21.49
N THR A 235 -6.22 -8.36 -20.85
CA THR A 235 -5.40 -7.89 -19.79
C THR A 235 -5.99 -8.41 -18.49
N GLU A 236 -7.25 -8.07 -18.29
CA GLU A 236 -7.92 -8.44 -17.08
C GLU A 236 -8.48 -9.82 -17.07
N GLY A 237 -8.98 -10.43 -18.11
CA GLY A 237 -9.40 -11.84 -18.08
C GLY A 237 -8.22 -12.77 -17.91
N ALA A 238 -7.15 -12.45 -18.59
CA ALA A 238 -5.91 -13.15 -18.52
C ALA A 238 -5.46 -13.06 -17.11
N PHE A 239 -5.47 -11.94 -16.43
CA PHE A 239 -5.24 -11.84 -15.00
C PHE A 239 -6.08 -12.87 -14.33
N LYS A 240 -7.40 -13.01 -14.43
CA LYS A 240 -8.13 -14.06 -13.71
C LYS A 240 -7.61 -15.44 -14.06
N ASP A 241 -7.43 -15.75 -15.33
CA ASP A 241 -7.01 -17.08 -15.69
C ASP A 241 -5.61 -17.41 -15.25
N TRP A 242 -4.65 -16.54 -15.36
CA TRP A 242 -3.34 -16.85 -14.90
C TRP A 242 -3.39 -17.07 -13.41
N GLY A 243 -4.27 -16.41 -12.70
CA GLY A 243 -4.22 -16.53 -11.27
C GLY A 243 -4.81 -17.85 -10.94
N TYR A 244 -5.70 -18.36 -11.77
CA TYR A 244 -6.25 -19.64 -11.41
C TYR A 244 -5.20 -20.70 -11.72
N GLN A 245 -4.57 -20.63 -12.87
CA GLN A 245 -3.55 -21.54 -13.31
C GLN A 245 -2.47 -21.55 -12.32
N LEU A 246 -2.02 -20.45 -11.76
CA LEU A 246 -1.01 -20.47 -10.71
C LEU A 246 -1.51 -21.23 -9.51
N ALA A 247 -2.77 -21.15 -9.06
CA ALA A 247 -3.15 -21.86 -7.86
C ALA A 247 -3.28 -23.34 -8.15
N ARG A 248 -3.65 -23.82 -9.34
CA ARG A 248 -3.63 -25.23 -9.70
C ARG A 248 -2.19 -25.73 -9.73
N GLU A 249 -1.33 -25.28 -10.63
CA GLU A 249 0.05 -25.69 -10.78
C GLU A 249 0.97 -25.60 -9.58
N GLU A 250 0.98 -24.48 -8.87
CA GLU A 250 1.97 -24.32 -7.86
C GLU A 250 1.40 -24.57 -6.52
N PHE A 251 0.08 -24.57 -6.34
CA PHE A 251 -0.47 -24.76 -5.00
C PHE A 251 -1.44 -25.92 -4.97
N GLY A 252 -1.63 -26.54 -6.11
CA GLY A 252 -2.40 -27.75 -6.16
C GLY A 252 -3.82 -27.59 -5.76
N GLY A 253 -4.44 -26.60 -6.32
CA GLY A 253 -5.81 -26.36 -5.99
C GLY A 253 -6.67 -27.27 -6.81
N GLU A 254 -7.87 -27.61 -6.39
CA GLU A 254 -8.70 -28.44 -7.19
C GLU A 254 -10.13 -27.94 -7.18
N LEU A 255 -10.92 -28.17 -8.21
CA LEU A 255 -12.27 -27.68 -8.36
C LEU A 255 -13.24 -27.76 -7.22
N ILE A 256 -14.11 -26.78 -6.98
CA ILE A 256 -15.23 -26.94 -6.09
C ILE A 256 -16.44 -27.21 -6.99
N ASP A 257 -16.95 -28.44 -6.94
CA ASP A 257 -18.10 -28.93 -7.67
C ASP A 257 -18.14 -28.38 -9.08
N GLY A 258 -18.95 -27.46 -9.54
CA GLY A 258 -18.81 -27.09 -10.94
C GLY A 258 -17.58 -26.22 -11.26
N GLY A 259 -16.99 -25.61 -10.26
CA GLY A 259 -15.97 -24.63 -10.50
C GLY A 259 -16.73 -23.36 -10.86
N PRO A 260 -16.11 -22.23 -11.23
CA PRO A 260 -14.68 -22.06 -11.46
C PRO A 260 -13.76 -22.02 -10.26
N TRP A 261 -14.36 -22.00 -9.08
CA TRP A 261 -13.62 -21.80 -7.87
C TRP A 261 -12.73 -22.97 -7.56
N LEU A 262 -11.50 -22.83 -7.11
CA LEU A 262 -10.54 -23.88 -6.80
C LEU A 262 -10.41 -24.00 -5.30
N LYS A 263 -9.99 -25.05 -4.61
CA LYS A 263 -9.80 -25.02 -3.17
C LYS A 263 -8.34 -25.35 -3.01
N VAL A 264 -7.54 -24.57 -2.34
CA VAL A 264 -6.13 -24.83 -2.12
C VAL A 264 -6.06 -25.24 -0.63
N LYS A 265 -5.32 -26.26 -0.14
CA LYS A 265 -5.40 -26.72 1.24
C LYS A 265 -4.22 -26.14 1.95
N ASN A 266 -4.38 -25.57 3.13
CA ASN A 266 -3.25 -24.95 3.80
C ASN A 266 -2.34 -26.04 4.34
N PRO A 267 -1.11 -26.18 3.89
CA PRO A 267 -0.21 -27.21 4.34
C PRO A 267 0.13 -27.10 5.81
N ASN A 268 0.12 -25.94 6.44
CA ASN A 268 0.46 -25.83 7.82
C ASN A 268 -0.77 -26.06 8.65
N THR A 269 -1.96 -26.21 8.11
CA THR A 269 -3.11 -26.07 8.96
C THR A 269 -4.28 -26.98 8.70
N GLY A 270 -4.42 -27.52 7.49
CA GLY A 270 -5.58 -28.33 7.20
C GLY A 270 -6.74 -27.53 6.65
N LYS A 271 -7.06 -26.31 7.10
CA LYS A 271 -8.13 -25.50 6.48
C LYS A 271 -7.99 -25.37 4.98
N GLU A 272 -9.12 -25.37 4.27
CA GLU A 272 -9.11 -25.14 2.85
C GLU A 272 -9.33 -23.65 2.60
N ILE A 273 -8.60 -23.04 1.67
CA ILE A 273 -8.63 -21.63 1.23
C ILE A 273 -9.37 -21.56 -0.11
N VAL A 274 -10.41 -20.78 -0.37
CA VAL A 274 -11.15 -20.75 -1.65
C VAL A 274 -10.47 -19.76 -2.58
N ILE A 275 -10.25 -19.97 -3.87
CA ILE A 275 -9.70 -19.00 -4.77
C ILE A 275 -10.95 -18.82 -5.56
N LYS A 276 -11.50 -17.62 -5.57
CA LYS A 276 -12.72 -17.31 -6.32
C LYS A 276 -12.50 -16.08 -7.13
N ASP A 277 -13.39 -15.56 -7.97
CA ASP A 277 -13.17 -14.31 -8.68
C ASP A 277 -14.46 -13.51 -8.68
N VAL A 278 -14.52 -12.16 -8.74
CA VAL A 278 -15.78 -11.41 -8.77
C VAL A 278 -15.61 -10.39 -9.85
N ILE A 279 -16.53 -10.06 -10.77
CA ILE A 279 -16.24 -9.04 -11.75
C ILE A 279 -16.19 -7.80 -10.88
N ALA A 280 -15.35 -6.89 -11.33
CA ALA A 280 -14.98 -5.77 -10.52
C ALA A 280 -16.06 -4.85 -10.19
N ASP A 281 -17.04 -4.59 -11.01
CA ASP A 281 -18.06 -3.69 -10.58
C ASP A 281 -18.99 -4.36 -9.64
N ALA A 282 -19.20 -5.66 -9.66
CA ALA A 282 -20.07 -6.26 -8.71
C ALA A 282 -19.35 -6.32 -7.38
N PHE A 283 -18.04 -6.24 -7.36
CA PHE A 283 -17.27 -6.34 -6.17
C PHE A 283 -17.48 -5.12 -5.34
N LEU A 284 -17.54 -3.95 -5.91
CA LEU A 284 -17.72 -2.71 -5.18
C LEU A 284 -19.08 -2.73 -4.52
N GLN A 285 -20.04 -3.51 -4.97
CA GLN A 285 -21.32 -3.70 -4.27
C GLN A 285 -21.12 -4.81 -3.29
N GLN A 286 -20.64 -5.99 -3.64
CA GLN A 286 -20.36 -7.03 -2.68
C GLN A 286 -19.60 -6.59 -1.48
N ILE A 287 -18.64 -5.71 -1.50
CA ILE A 287 -17.98 -5.27 -0.29
C ILE A 287 -18.81 -4.43 0.66
N LEU A 288 -19.99 -4.03 0.29
CA LEU A 288 -20.78 -3.18 1.16
C LEU A 288 -21.93 -3.99 1.66
N LEU A 289 -22.47 -4.87 0.82
CA LEU A 289 -23.48 -5.80 1.21
C LEU A 289 -23.07 -7.12 1.81
N ARG A 290 -22.14 -7.87 1.28
CA ARG A 290 -21.85 -9.13 1.90
C ARG A 290 -20.36 -9.06 2.29
N PRO A 291 -19.85 -8.22 3.21
CA PRO A 291 -18.45 -7.98 3.37
C PRO A 291 -17.74 -9.07 4.08
N ALA A 292 -18.44 -9.99 4.69
CA ALA A 292 -17.86 -11.11 5.44
C ALA A 292 -17.45 -12.22 4.54
N GLU A 293 -17.85 -12.21 3.26
CA GLU A 293 -17.53 -13.29 2.35
C GLU A 293 -16.20 -13.13 1.68
N TYR A 294 -15.48 -12.00 1.90
CA TYR A 294 -14.23 -11.68 1.25
C TYR A 294 -13.11 -11.47 2.26
N ASP A 295 -11.85 -11.66 1.89
CA ASP A 295 -10.74 -11.71 2.80
C ASP A 295 -9.51 -11.20 2.09
N VAL A 296 -8.69 -12.02 1.40
CA VAL A 296 -7.49 -11.52 0.68
C VAL A 296 -7.97 -11.27 -0.73
N ILE A 297 -7.49 -10.20 -1.38
CA ILE A 297 -8.06 -9.73 -2.63
C ILE A 297 -6.86 -9.54 -3.45
N ALA A 298 -6.96 -9.90 -4.72
CA ALA A 298 -5.80 -9.79 -5.56
C ALA A 298 -6.19 -9.03 -6.80
N CYS A 299 -5.54 -7.97 -7.25
CA CYS A 299 -6.01 -7.29 -8.39
C CYS A 299 -4.94 -6.52 -9.06
N MET A 300 -5.27 -5.99 -10.22
CA MET A 300 -4.32 -5.25 -10.95
C MET A 300 -4.23 -3.86 -10.37
N ASN A 301 -3.42 -3.00 -10.93
CA ASN A 301 -3.09 -1.69 -10.37
C ASN A 301 -4.22 -0.73 -10.29
N LEU A 302 -5.07 -0.53 -11.27
CA LEU A 302 -6.11 0.46 -11.16
C LEU A 302 -7.17 -0.10 -10.28
N ASN A 303 -7.73 -1.29 -10.47
CA ASN A 303 -8.76 -1.80 -9.62
C ASN A 303 -8.35 -1.78 -8.19
N GLY A 304 -7.11 -2.08 -7.88
CA GLY A 304 -6.72 -2.09 -6.51
C GLY A 304 -6.68 -0.72 -5.98
N ASP A 305 -6.32 0.27 -6.74
CA ASP A 305 -6.28 1.66 -6.32
C ASP A 305 -7.60 2.06 -5.79
N TYR A 306 -8.67 1.65 -6.43
CA TYR A 306 -10.01 2.03 -6.08
C TYR A 306 -10.54 1.15 -4.97
N ILE A 307 -10.41 -0.17 -5.03
CA ILE A 307 -10.94 -1.05 -4.02
C ILE A 307 -10.43 -0.56 -2.67
N SER A 308 -9.19 -0.24 -2.54
CA SER A 308 -8.67 0.06 -1.24
C SER A 308 -9.17 1.32 -0.67
N ASP A 309 -9.41 2.32 -1.51
CA ASP A 309 -9.92 3.54 -0.98
C ASP A 309 -11.36 3.26 -0.66
N ALA A 310 -12.16 2.54 -1.41
CA ALA A 310 -13.56 2.28 -1.03
C ALA A 310 -13.58 1.56 0.28
N LEU A 311 -12.76 0.58 0.43
CA LEU A 311 -12.75 -0.20 1.64
C LEU A 311 -12.33 0.64 2.78
N ALA A 312 -11.31 1.47 2.65
CA ALA A 312 -10.81 2.27 3.76
C ALA A 312 -11.89 3.17 4.21
N ALA A 313 -12.74 3.67 3.38
CA ALA A 313 -13.76 4.55 3.79
C ALA A 313 -14.87 3.88 4.54
N GLN A 314 -15.29 2.71 4.17
CA GLN A 314 -16.44 2.15 4.84
C GLN A 314 -16.12 1.89 6.28
N VAL A 315 -14.91 1.47 6.62
CA VAL A 315 -14.56 1.29 8.01
C VAL A 315 -14.16 2.59 8.65
N GLY A 316 -14.43 3.76 8.11
CA GLY A 316 -14.04 5.01 8.77
C GLY A 316 -12.55 5.25 8.79
N GLY A 317 -11.81 4.72 7.85
CA GLY A 317 -10.39 4.88 7.86
C GLY A 317 -9.80 5.76 6.81
N ILE A 318 -10.41 6.84 6.33
CA ILE A 318 -9.76 7.67 5.32
C ILE A 318 -8.32 8.07 5.74
N GLY A 319 -8.16 8.41 7.01
CA GLY A 319 -6.92 8.96 7.48
C GLY A 319 -6.15 7.95 8.24
N ILE A 320 -6.58 6.75 8.59
CA ILE A 320 -5.77 5.77 9.31
C ILE A 320 -5.50 4.54 8.43
N ALA A 321 -5.44 4.52 7.11
CA ALA A 321 -5.22 3.30 6.39
C ALA A 321 -3.76 3.08 6.10
N PRO A 322 -3.08 1.99 6.49
CA PRO A 322 -1.69 1.63 6.25
C PRO A 322 -1.29 1.16 4.89
N GLY A 323 -0.03 1.18 4.48
CA GLY A 323 0.24 0.77 3.15
C GLY A 323 1.65 0.34 3.04
N ALA A 324 1.98 -0.54 2.12
CA ALA A 324 3.33 -1.02 1.96
C ALA A 324 3.54 -1.45 0.53
N ASN A 325 4.66 -1.13 -0.07
CA ASN A 325 4.96 -1.53 -1.40
C ASN A 325 6.12 -2.48 -1.21
N ILE A 326 6.02 -3.72 -1.62
CA ILE A 326 7.00 -4.72 -1.35
C ILE A 326 7.49 -5.33 -2.62
N GLY A 327 8.80 -5.46 -2.68
CA GLY A 327 9.49 -6.18 -3.72
C GLY A 327 10.43 -7.28 -3.16
N ASP A 328 11.22 -7.87 -4.04
CA ASP A 328 12.04 -8.97 -3.69
C ASP A 328 13.26 -8.50 -2.98
N GLU A 329 13.76 -7.31 -3.28
CA GLU A 329 14.94 -6.91 -2.60
C GLU A 329 14.73 -5.77 -1.65
N CYS A 330 13.56 -5.16 -1.51
CA CYS A 330 13.29 -4.19 -0.45
C CYS A 330 11.82 -3.84 -0.19
N ALA A 331 11.46 -2.98 0.77
CA ALA A 331 10.09 -2.57 1.00
C ALA A 331 10.09 -1.15 1.46
N LEU A 332 9.00 -0.47 1.18
CA LEU A 332 8.83 0.92 1.48
C LEU A 332 7.41 1.07 1.92
N PHE A 333 7.22 1.40 3.18
CA PHE A 333 5.94 1.52 3.84
C PHE A 333 5.48 2.95 3.73
N GLU A 334 4.22 3.37 3.72
CA GLU A 334 3.91 4.74 3.40
C GLU A 334 2.65 5.18 4.03
N ALA A 335 2.45 6.45 4.17
CA ALA A 335 1.18 6.95 4.58
C ALA A 335 0.37 6.92 3.31
N THR A 336 -0.93 6.62 3.35
CA THR A 336 -1.70 6.52 2.12
C THR A 336 -2.45 7.73 1.65
N HIS A 337 -2.49 8.74 2.54
CA HIS A 337 -3.18 9.97 2.28
C HIS A 337 -2.34 11.08 1.67
N GLY A 338 -2.89 12.28 1.45
CA GLY A 338 -2.12 13.27 0.74
C GLY A 338 -1.34 14.13 1.68
N THR A 339 -0.86 15.23 1.15
CA THR A 339 -0.07 16.19 1.86
C THR A 339 -0.84 17.22 2.59
N ALA A 340 -2.07 17.50 2.21
CA ALA A 340 -2.91 18.47 2.88
C ALA A 340 -2.31 19.81 3.30
N PRO A 341 -1.84 20.71 2.44
CA PRO A 341 -1.04 21.84 2.81
C PRO A 341 -1.82 22.77 3.70
N LYS A 342 -3.14 22.83 3.57
CA LYS A 342 -3.96 23.72 4.37
C LYS A 342 -3.68 23.60 5.84
N TYR A 343 -3.44 22.35 6.25
CA TYR A 343 -3.27 22.01 7.66
C TYR A 343 -1.79 21.78 8.01
N ALA A 344 -0.78 21.90 7.13
CA ALA A 344 0.60 21.64 7.47
C ALA A 344 1.21 22.47 8.54
N GLY A 345 1.83 21.89 9.55
CA GLY A 345 2.58 22.66 10.54
C GLY A 345 1.71 23.02 11.71
N GLN A 346 0.41 22.82 11.54
CA GLN A 346 -0.56 23.14 12.57
C GLN A 346 -0.79 22.04 13.61
N ASP A 347 0.00 20.95 13.61
CA ASP A 347 -0.13 19.79 14.49
C ASP A 347 -1.57 19.31 14.67
N LYS A 348 -2.51 19.27 13.72
CA LYS A 348 -3.82 18.79 13.99
C LYS A 348 -4.18 17.51 13.29
N VAL A 349 -3.56 17.04 12.22
CA VAL A 349 -4.10 15.89 11.51
C VAL A 349 -3.89 14.57 12.16
N ASN A 350 -4.45 13.52 11.60
CA ASN A 350 -4.39 12.23 12.24
C ASN A 350 -3.15 11.53 11.79
N PRO A 351 -2.21 11.12 12.65
CA PRO A 351 -0.96 10.47 12.32
C PRO A 351 -1.05 8.97 12.25
N GLY A 352 -2.22 8.40 12.40
CA GLY A 352 -2.40 6.98 12.42
C GLY A 352 -2.20 6.32 11.09
N SER A 353 -2.03 6.93 9.93
CA SER A 353 -1.79 6.11 8.76
C SER A 353 -0.35 5.76 8.85
N ILE A 354 0.59 6.67 9.11
CA ILE A 354 1.98 6.31 9.01
C ILE A 354 2.31 5.45 10.18
N ILE A 355 1.75 5.68 11.37
CA ILE A 355 2.01 4.86 12.53
C ILE A 355 1.57 3.45 12.25
N LEU A 356 0.40 3.21 11.73
CA LEU A 356 -0.01 1.87 11.39
C LEU A 356 0.80 1.27 10.22
N SER A 357 1.39 2.05 9.32
CA SER A 357 2.33 1.52 8.37
C SER A 357 3.64 1.25 9.10
N ALA A 358 4.08 1.92 10.15
CA ALA A 358 5.22 1.51 10.91
C ALA A 358 4.91 0.17 11.57
N GLU A 359 3.73 -0.14 12.06
CA GLU A 359 3.33 -1.44 12.55
C GLU A 359 3.66 -2.50 11.52
N MET A 360 3.24 -2.34 10.26
CA MET A 360 3.52 -3.29 9.22
C MET A 360 4.97 -3.43 9.04
N MET A 361 5.70 -2.33 9.24
CA MET A 361 7.12 -2.31 9.02
C MET A 361 7.77 -3.20 10.00
N LEU A 362 7.46 -3.05 11.27
CA LEU A 362 8.08 -3.80 12.31
C LEU A 362 7.70 -5.23 12.11
N ARG A 363 6.48 -5.54 11.74
CA ARG A 363 6.03 -6.91 11.61
C ARG A 363 6.78 -7.69 10.55
N HIS A 364 7.18 -6.92 9.55
CA HIS A 364 7.93 -7.38 8.39
C HIS A 364 9.31 -7.72 8.83
N MET A 365 9.85 -6.81 9.64
CA MET A 365 11.17 -6.95 10.21
C MET A 365 11.28 -8.07 11.20
N GLY A 366 10.18 -8.51 11.77
CA GLY A 366 10.17 -9.62 12.70
C GLY A 366 9.97 -9.12 14.09
N TRP A 367 9.79 -7.83 14.35
CA TRP A 367 9.62 -7.36 15.69
C TRP A 367 8.15 -7.32 15.99
N THR A 368 7.55 -8.49 15.84
CA THR A 368 6.18 -8.77 16.11
C THR A 368 5.82 -8.18 17.40
N GLU A 369 6.62 -8.32 18.45
CA GLU A 369 6.19 -7.87 19.76
C GLU A 369 6.02 -6.38 19.80
N ALA A 370 6.80 -5.55 19.13
CA ALA A 370 6.61 -4.10 19.16
C ALA A 370 5.41 -3.78 18.32
N ALA A 371 5.31 -4.40 17.14
CA ALA A 371 4.18 -4.20 16.31
C ALA A 371 2.89 -4.57 17.06
N ASP A 372 2.63 -5.68 17.75
CA ASP A 372 1.37 -5.90 18.44
C ASP A 372 1.18 -4.83 19.51
N LEU A 373 2.22 -4.19 20.02
CA LEU A 373 2.07 -3.19 21.03
C LEU A 373 1.48 -1.98 20.41
N ILE A 374 2.02 -1.47 19.32
CA ILE A 374 1.44 -0.35 18.57
C ILE A 374 0.02 -0.70 18.25
N VAL A 375 -0.48 -1.84 17.79
CA VAL A 375 -1.92 -1.93 17.70
C VAL A 375 -2.54 -2.01 19.08
N LYS A 376 -2.01 -2.51 20.23
CA LYS A 376 -2.69 -2.37 21.53
C LYS A 376 -2.89 -0.88 21.81
N GLY A 377 -1.89 -0.09 21.51
CA GLY A 377 -1.95 1.34 21.75
C GLY A 377 -3.07 2.01 21.02
N MET A 378 -3.13 1.83 19.71
CA MET A 378 -4.13 2.52 18.96
C MET A 378 -5.51 2.02 19.28
N GLU A 379 -5.74 0.76 19.68
CA GLU A 379 -7.09 0.35 20.02
C GLU A 379 -7.45 1.02 21.35
N GLY A 380 -6.54 1.29 22.27
CA GLY A 380 -6.89 1.97 23.48
C GLY A 380 -7.26 3.42 23.25
N ALA A 381 -6.41 4.21 22.55
CA ALA A 381 -6.62 5.63 22.27
C ALA A 381 -7.94 5.87 21.64
N ILE A 382 -8.30 5.26 20.53
CA ILE A 382 -9.58 5.36 19.91
C ILE A 382 -10.72 4.95 20.85
N ASN A 383 -10.61 3.86 21.60
CA ASN A 383 -11.63 3.41 22.53
C ASN A 383 -11.75 4.33 23.73
N ALA A 384 -10.76 5.14 24.06
CA ALA A 384 -10.89 6.08 25.14
C ALA A 384 -11.47 7.36 24.58
N LYS A 385 -12.03 7.35 23.37
CA LYS A 385 -12.58 8.50 22.71
C LYS A 385 -11.63 9.67 22.87
N THR A 386 -10.33 9.44 22.75
CA THR A 386 -9.26 10.42 22.87
C THR A 386 -8.63 10.56 21.51
N VAL A 387 -8.89 11.62 20.74
CA VAL A 387 -8.73 11.53 19.31
C VAL A 387 -8.44 12.85 18.58
N THR A 388 -8.14 12.82 17.28
CA THR A 388 -7.81 14.00 16.49
C THR A 388 -9.07 14.58 15.88
N TYR A 389 -9.06 15.81 15.39
CA TYR A 389 -10.22 16.48 14.88
C TYR A 389 -11.05 15.60 13.96
N ASP A 390 -10.49 14.85 13.02
CA ASP A 390 -11.28 14.04 12.08
C ASP A 390 -12.21 13.00 12.64
N PHE A 391 -11.81 12.52 13.78
CA PHE A 391 -12.67 11.60 14.43
C PHE A 391 -13.48 12.42 15.43
N GLU A 392 -12.98 13.48 16.05
CA GLU A 392 -13.75 14.25 17.00
C GLU A 392 -14.97 14.88 16.36
N ARG A 393 -14.88 15.43 15.14
CA ARG A 393 -16.03 15.93 14.40
C ARG A 393 -17.22 15.01 14.44
N LEU A 394 -17.01 13.72 14.34
CA LEU A 394 -18.09 12.81 14.14
C LEU A 394 -18.45 12.06 15.39
N MET A 395 -18.04 12.47 16.56
CA MET A 395 -18.21 11.58 17.68
C MET A 395 -18.85 12.18 18.89
N ASP A 396 -19.61 11.31 19.55
CA ASP A 396 -20.46 11.73 20.63
C ASP A 396 -19.63 11.71 21.94
N GLY A 397 -18.89 12.77 22.22
CA GLY A 397 -18.25 12.91 23.52
C GLY A 397 -16.78 12.52 23.68
N ALA A 398 -15.90 13.11 22.87
CA ALA A 398 -14.50 12.74 22.84
C ALA A 398 -13.58 13.87 23.24
N LYS A 399 -12.29 13.66 23.54
CA LYS A 399 -11.36 14.71 23.94
C LYS A 399 -10.64 15.11 22.67
N LEU A 400 -10.54 16.34 22.21
CA LEU A 400 -9.86 16.67 20.99
C LEU A 400 -8.39 16.71 21.31
N LEU A 401 -7.56 16.09 20.51
CA LEU A 401 -6.15 16.02 20.81
C LEU A 401 -5.34 16.61 19.67
N LYS A 402 -4.14 17.17 19.83
CA LYS A 402 -3.32 17.61 18.72
C LYS A 402 -2.70 16.30 18.18
N CYS A 403 -2.03 16.36 17.05
CA CYS A 403 -1.37 15.24 16.42
C CYS A 403 -0.28 14.76 17.33
N SER A 404 0.65 15.58 17.86
CA SER A 404 1.63 15.06 18.80
C SER A 404 0.94 14.43 20.00
N GLU A 405 -0.08 15.04 20.55
CA GLU A 405 -0.77 14.54 21.72
C GLU A 405 -1.34 13.19 21.41
N PHE A 406 -1.86 12.93 20.22
CA PHE A 406 -2.39 11.60 19.91
C PHE A 406 -1.29 10.54 19.86
N GLY A 407 -0.07 10.84 19.51
CA GLY A 407 0.98 9.83 19.57
C GLY A 407 1.19 9.49 21.02
N ASP A 408 1.14 10.46 21.95
CA ASP A 408 1.34 10.19 23.33
C ASP A 408 0.20 9.35 23.77
N ALA A 409 -1.01 9.57 23.33
CA ALA A 409 -2.08 8.74 23.81
C ALA A 409 -1.86 7.36 23.33
N ILE A 410 -1.32 7.11 22.16
CA ILE A 410 -0.98 5.76 21.81
C ILE A 410 0.09 5.27 22.77
N ILE A 411 1.16 5.97 23.12
CA ILE A 411 2.13 5.38 24.02
C ILE A 411 1.50 5.06 25.33
N GLU A 412 0.65 5.94 25.83
CA GLU A 412 -0.12 5.72 27.02
C GLU A 412 -0.88 4.44 26.99
N ASN A 413 -1.40 3.85 25.92
CA ASN A 413 -2.19 2.66 26.12
C ASN A 413 -1.51 1.37 25.78
N MET A 414 -0.23 1.35 25.64
CA MET A 414 0.51 0.13 25.46
C MET A 414 0.66 -0.62 26.77
MG MG B . -4.86 5.69 -4.15
C1 AKG C . -1.76 5.82 -4.32
O1 AKG C . -0.67 5.34 -4.13
O2 AKG C . -2.76 5.12 -3.80
C2 AKG C . -2.26 6.90 -5.12
O5 AKG C . -3.63 7.09 -5.09
C3 AKG C . -1.18 7.52 -5.63
C4 AKG C . -1.21 8.76 -6.34
C5 AKG C . -0.26 9.69 -5.61
O3 AKG C . -0.58 10.36 -4.67
O4 AKG C . 0.91 9.65 -5.93
PA NAP D . -5.43 15.13 -0.20
O1A NAP D . -4.90 14.13 -1.23
O2A NAP D . -6.40 16.18 -0.68
O5B NAP D . -6.22 14.31 1.05
C5B NAP D . -7.67 14.55 1.17
C4B NAP D . -8.33 14.84 2.55
O4B NAP D . -8.43 13.72 3.49
C3B NAP D . -7.67 15.93 3.40
O3B NAP D . -7.95 17.23 2.89
C2B NAP D . -8.24 15.70 4.78
O2B NAP D . -9.67 15.73 4.82
C1B NAP D . -8.07 14.21 4.80
N9A NAP D . -6.72 13.75 5.24
C8A NAP D . -5.55 13.51 4.48
N7A NAP D . -4.60 12.95 5.18
C5A NAP D . -5.15 12.80 6.47
C6A NAP D . -4.64 12.29 7.66
N6A NAP D . -3.43 11.79 7.77
N1A NAP D . -5.42 12.35 8.74
C2A NAP D . -6.65 12.88 8.67
N3A NAP D . -7.25 13.40 7.59
C4A NAP D . -6.43 13.31 6.51
O3 NAP D . -4.21 15.95 0.57
P2B NAP D . -10.58 16.88 5.56
O1X NAP D . -10.04 18.18 5.05
O2X NAP D . -12.03 16.52 5.36
O3X NAP D . -10.37 16.81 7.16
#